data_7EDK
#
_entry.id   7EDK
#
_entity_poly.entity_id   1
_entity_poly.type   'polypeptide(L)'
_entity_poly.pdbx_seq_one_letter_code
;GDCKPCMHPDCRFNPGRCR
;
_entity_poly.pdbx_strand_id   A
#
# COMPACT_ATOMS: atom_id res chain seq x y z
N GLY A 1 3.82 6.07 1.33
CA GLY A 1 3.57 5.18 0.17
C GLY A 1 3.92 5.85 -1.14
N ASP A 2 3.87 5.08 -2.23
CA ASP A 2 4.23 5.61 -3.53
C ASP A 2 3.36 5.01 -4.62
N CYS A 3 3.50 3.70 -4.81
CA CYS A 3 2.69 2.97 -5.77
C CYS A 3 1.20 3.02 -5.41
N LYS A 4 0.75 2.07 -4.62
CA LYS A 4 -0.60 2.11 -4.09
C LYS A 4 -0.67 3.03 -2.89
N PRO A 5 -1.44 4.12 -2.97
CA PRO A 5 -1.61 5.09 -1.89
C PRO A 5 -1.89 4.46 -0.54
N CYS A 6 -1.12 4.85 0.44
CA CYS A 6 -1.23 4.31 1.77
C CYS A 6 -2.21 5.13 2.61
N MET A 7 -3.39 5.35 2.06
CA MET A 7 -4.41 6.17 2.72
C MET A 7 -5.53 5.28 3.26
N HIS A 8 -5.23 3.99 3.36
CA HIS A 8 -6.20 3.02 3.86
C HIS A 8 -5.46 1.81 4.41
N PRO A 9 -6.11 1.14 5.39
CA PRO A 9 -5.54 0.02 6.16
C PRO A 9 -4.84 -1.03 5.30
N ASP A 10 -5.24 -1.11 4.05
CA ASP A 10 -4.75 -2.14 3.14
C ASP A 10 -3.27 -1.95 2.79
N CYS A 11 -2.72 -0.78 3.11
CA CYS A 11 -1.35 -0.47 2.74
C CYS A 11 -0.35 -0.94 3.80
N ARG A 12 -0.71 -1.98 4.54
CA ARG A 12 0.23 -2.58 5.50
C ARG A 12 1.39 -3.24 4.77
N PHE A 13 1.10 -3.76 3.60
CA PHE A 13 2.10 -4.47 2.79
C PHE A 13 1.53 -4.77 1.40
N ASN A 14 0.71 -3.83 0.91
CA ASN A 14 -0.08 -3.99 -0.35
C ASN A 14 0.51 -5.05 -1.26
N PRO A 15 -0.11 -6.23 -1.30
CA PRO A 15 0.43 -7.38 -2.00
C PRO A 15 0.54 -7.14 -3.51
N GLY A 16 1.76 -6.92 -3.95
CA GLY A 16 2.03 -6.67 -5.35
C GLY A 16 2.21 -5.19 -5.66
N ARG A 17 2.04 -4.35 -4.65
CA ARG A 17 2.20 -2.91 -4.82
C ARG A 17 3.25 -2.35 -3.85
N CYS A 18 2.78 -1.63 -2.84
CA CYS A 18 3.66 -0.97 -1.89
C CYS A 18 3.85 -1.87 -0.69
N ARG A 19 5.08 -2.23 -0.40
CA ARG A 19 5.32 -3.13 0.71
C ARG A 19 5.88 -2.36 1.90
N GLY A 1 3.63 6.20 1.18
CA GLY A 1 3.20 5.35 0.06
C GLY A 1 3.45 6.02 -1.27
N ASP A 2 3.56 5.23 -2.34
CA ASP A 2 3.83 5.77 -3.66
C ASP A 2 3.09 5.00 -4.75
N CYS A 3 3.38 3.71 -4.84
CA CYS A 3 2.72 2.83 -5.81
C CYS A 3 1.21 2.79 -5.61
N LYS A 4 0.75 1.91 -4.73
CA LYS A 4 -0.62 1.92 -4.26
C LYS A 4 -0.70 2.84 -3.05
N PRO A 5 -1.63 3.80 -3.04
CA PRO A 5 -1.70 4.83 -2.00
C PRO A 5 -1.91 4.22 -0.62
N CYS A 6 -1.26 4.82 0.35
CA CYS A 6 -1.29 4.31 1.71
C CYS A 6 -1.91 5.34 2.63
N MET A 7 -3.22 5.50 2.53
CA MET A 7 -3.95 6.41 3.38
C MET A 7 -5.09 5.69 4.08
N HIS A 8 -5.12 4.37 3.92
CA HIS A 8 -6.15 3.55 4.56
C HIS A 8 -5.50 2.27 5.09
N PRO A 9 -6.21 1.50 5.94
CA PRO A 9 -5.63 0.31 6.59
C PRO A 9 -5.03 -0.71 5.61
N ASP A 10 -5.62 -0.76 4.42
CA ASP A 10 -5.32 -1.80 3.44
C ASP A 10 -3.89 -1.70 2.88
N CYS A 11 -3.20 -0.59 3.15
CA CYS A 11 -1.83 -0.45 2.66
C CYS A 11 -0.83 -1.04 3.66
N ARG A 12 -1.18 -2.19 4.21
CA ARG A 12 -0.36 -2.84 5.23
C ARG A 12 0.92 -3.41 4.64
N PHE A 13 0.79 -4.07 3.50
CA PHE A 13 1.91 -4.71 2.83
C PHE A 13 1.53 -4.97 1.37
N ASN A 14 0.72 -4.05 0.82
CA ASN A 14 0.07 -4.19 -0.50
C ASN A 14 0.79 -5.18 -1.40
N PRO A 15 0.23 -6.39 -1.54
CA PRO A 15 0.90 -7.50 -2.22
C PRO A 15 1.14 -7.22 -3.70
N GLY A 16 2.40 -6.94 -4.01
CA GLY A 16 2.79 -6.65 -5.37
C GLY A 16 2.81 -5.16 -5.68
N ARG A 17 2.37 -4.35 -4.72
CA ARG A 17 2.35 -2.91 -4.90
C ARG A 17 3.33 -2.22 -3.96
N CYS A 18 2.81 -1.61 -2.91
CA CYS A 18 3.65 -0.96 -1.91
C CYS A 18 3.87 -1.92 -0.76
N ARG A 19 5.08 -2.42 -0.66
CA ARG A 19 5.39 -3.44 0.30
C ARG A 19 6.02 -2.82 1.54
N GLY A 1 3.83 5.73 1.29
CA GLY A 1 3.35 4.99 0.09
C GLY A 1 3.63 5.74 -1.19
N ASP A 2 3.56 5.05 -2.32
CA ASP A 2 3.83 5.66 -3.61
C ASP A 2 3.13 4.91 -4.72
N CYS A 3 3.42 3.61 -4.80
CA CYS A 3 2.77 2.74 -5.75
C CYS A 3 1.25 2.72 -5.55
N LYS A 4 0.78 1.98 -4.55
CA LYS A 4 -0.59 2.05 -4.13
C LYS A 4 -0.70 2.98 -2.93
N PRO A 5 -1.55 4.02 -3.02
CA PRO A 5 -1.74 4.99 -1.95
C PRO A 5 -1.92 4.37 -0.57
N CYS A 6 -1.19 4.88 0.39
CA CYS A 6 -1.22 4.35 1.74
C CYS A 6 -2.01 5.29 2.65
N MET A 7 -3.27 5.51 2.30
CA MET A 7 -4.15 6.32 3.10
C MET A 7 -5.30 5.47 3.62
N HIS A 8 -5.02 4.18 3.77
CA HIS A 8 -6.03 3.22 4.19
C HIS A 8 -5.39 2.01 4.85
N PRO A 9 -6.16 1.25 5.64
CA PRO A 9 -5.68 0.03 6.29
C PRO A 9 -4.98 -0.93 5.33
N ASP A 10 -5.48 -0.97 4.11
CA ASP A 10 -5.04 -1.92 3.10
C ASP A 10 -3.56 -1.78 2.73
N CYS A 11 -2.94 -0.65 3.07
CA CYS A 11 -1.56 -0.43 2.68
C CYS A 11 -0.58 -0.98 3.73
N ARG A 12 -0.98 -2.06 4.41
CA ARG A 12 -0.11 -2.69 5.40
C ARG A 12 1.13 -3.27 4.73
N PHE A 13 0.92 -3.86 3.57
CA PHE A 13 2.00 -4.48 2.80
C PHE A 13 1.51 -4.81 1.40
N ASN A 14 0.68 -3.90 0.85
CA ASN A 14 0.00 -4.08 -0.44
C ASN A 14 0.69 -5.09 -1.33
N PRO A 15 0.17 -6.32 -1.39
CA PRO A 15 0.82 -7.43 -2.09
C PRO A 15 0.90 -7.20 -3.59
N GLY A 16 2.07 -6.84 -4.03
CA GLY A 16 2.28 -6.53 -5.44
C GLY A 16 2.46 -5.05 -5.69
N ARG A 17 2.07 -4.23 -4.73
CA ARG A 17 2.19 -2.79 -4.86
C ARG A 17 3.24 -2.24 -3.89
N CYS A 18 2.78 -1.60 -2.82
CA CYS A 18 3.68 -1.01 -1.85
C CYS A 18 3.89 -1.98 -0.71
N ARG A 19 5.14 -2.29 -0.43
CA ARG A 19 5.43 -3.28 0.58
C ARG A 19 5.90 -2.62 1.88
N GLY A 1 3.76 5.23 1.45
CA GLY A 1 3.17 4.68 0.20
C GLY A 1 3.48 5.56 -1.00
N ASP A 2 3.49 4.96 -2.19
CA ASP A 2 3.79 5.69 -3.40
C ASP A 2 3.18 4.99 -4.61
N CYS A 3 3.50 3.70 -4.76
CA CYS A 3 2.90 2.86 -5.76
C CYS A 3 1.38 2.84 -5.60
N LYS A 4 0.89 2.01 -4.70
CA LYS A 4 -0.48 2.09 -4.26
C LYS A 4 -0.56 2.98 -3.03
N PRO A 5 -1.39 4.04 -3.09
CA PRO A 5 -1.58 4.96 -1.97
C PRO A 5 -1.84 4.26 -0.65
N CYS A 6 -1.22 4.76 0.39
CA CYS A 6 -1.36 4.21 1.72
C CYS A 6 -2.24 5.11 2.56
N MET A 7 -3.47 5.31 2.09
CA MET A 7 -4.41 6.22 2.73
C MET A 7 -5.46 5.46 3.51
N HIS A 8 -5.47 4.15 3.35
CA HIS A 8 -6.41 3.29 4.06
C HIS A 8 -5.64 2.18 4.76
N PRO A 9 -6.28 1.51 5.74
CA PRO A 9 -5.63 0.51 6.59
C PRO A 9 -5.08 -0.70 5.83
N ASP A 10 -5.42 -0.80 4.55
CA ASP A 10 -5.07 -1.97 3.75
C ASP A 10 -3.78 -1.74 2.96
N CYS A 11 -2.93 -0.86 3.45
CA CYS A 11 -1.64 -0.61 2.81
C CYS A 11 -0.52 -1.13 3.70
N ARG A 12 -0.82 -2.21 4.41
CA ARG A 12 0.12 -2.79 5.38
C ARG A 12 1.33 -3.35 4.68
N PHE A 13 1.10 -3.92 3.51
CA PHE A 13 2.11 -4.65 2.77
C PHE A 13 1.64 -4.86 1.33
N ASN A 14 0.86 -3.89 0.84
CA ASN A 14 0.08 -3.99 -0.41
C ASN A 14 0.66 -5.04 -1.36
N PRO A 15 0.01 -6.20 -1.44
CA PRO A 15 0.53 -7.35 -2.17
C PRO A 15 0.73 -7.06 -3.65
N GLY A 16 1.98 -6.87 -4.03
CA GLY A 16 2.31 -6.60 -5.42
C GLY A 16 2.46 -5.12 -5.71
N ARG A 17 2.18 -4.29 -4.71
CA ARG A 17 2.28 -2.85 -4.88
C ARG A 17 3.30 -2.25 -3.91
N CYS A 18 2.82 -1.63 -2.85
CA CYS A 18 3.68 -0.97 -1.88
C CYS A 18 3.93 -1.92 -0.72
N ARG A 19 5.15 -2.40 -0.64
CA ARG A 19 5.50 -3.39 0.35
C ARG A 19 6.26 -2.76 1.50
N GLY A 1 3.68 6.31 1.05
CA GLY A 1 3.29 5.38 -0.03
C GLY A 1 3.45 6.01 -1.40
N ASP A 2 3.40 5.20 -2.45
CA ASP A 2 3.58 5.70 -3.80
C ASP A 2 2.86 4.80 -4.81
N CYS A 3 3.26 3.53 -4.84
CA CYS A 3 2.65 2.54 -5.71
C CYS A 3 1.14 2.49 -5.52
N LYS A 4 0.68 1.87 -4.43
CA LYS A 4 -0.69 1.97 -4.02
C LYS A 4 -0.77 2.86 -2.79
N PRO A 5 -1.42 4.03 -2.93
CA PRO A 5 -1.48 5.04 -1.87
C PRO A 5 -1.82 4.48 -0.50
N CYS A 6 -0.98 4.84 0.46
CA CYS A 6 -1.13 4.36 1.82
C CYS A 6 -2.02 5.31 2.61
N MET A 7 -3.23 5.48 2.11
CA MET A 7 -4.20 6.36 2.73
C MET A 7 -5.36 5.55 3.31
N HIS A 8 -5.11 4.26 3.49
CA HIS A 8 -6.11 3.36 4.04
C HIS A 8 -5.47 2.12 4.66
N PRO A 9 -6.15 1.44 5.58
CA PRO A 9 -5.61 0.26 6.28
C PRO A 9 -4.91 -0.73 5.35
N ASP A 10 -5.43 -0.83 4.14
CA ASP A 10 -5.00 -1.84 3.18
C ASP A 10 -3.52 -1.70 2.78
N CYS A 11 -2.89 -0.59 3.12
CA CYS A 11 -1.47 -0.42 2.82
C CYS A 11 -0.60 -1.00 3.94
N ARG A 12 -0.89 -2.26 4.28
CA ARG A 12 -0.13 -2.96 5.31
C ARG A 12 1.13 -3.58 4.75
N PHE A 13 1.01 -4.07 3.54
CA PHE A 13 2.12 -4.74 2.85
C PHE A 13 1.71 -4.98 1.40
N ASN A 14 0.91 -4.04 0.87
CA ASN A 14 0.20 -4.16 -0.41
C ASN A 14 0.84 -5.16 -1.36
N PRO A 15 0.22 -6.33 -1.52
CA PRO A 15 0.74 -7.41 -2.36
C PRO A 15 0.81 -6.99 -3.82
N GLY A 16 2.02 -6.76 -4.28
CA GLY A 16 2.24 -6.37 -5.65
C GLY A 16 2.35 -4.86 -5.82
N ARG A 17 2.24 -4.14 -4.71
CA ARG A 17 2.34 -2.69 -4.73
C ARG A 17 3.34 -2.19 -3.70
N CYS A 18 2.85 -1.56 -2.65
CA CYS A 18 3.70 -0.99 -1.63
C CYS A 18 3.87 -1.97 -0.50
N ARG A 19 5.04 -2.54 -0.38
CA ARG A 19 5.28 -3.57 0.60
C ARG A 19 5.62 -2.94 1.95
N GLY A 1 4.39 4.85 1.25
CA GLY A 1 3.62 4.37 0.07
C GLY A 1 3.68 5.34 -1.08
N ASP A 2 3.47 4.82 -2.30
CA ASP A 2 3.47 5.65 -3.49
C ASP A 2 2.82 4.90 -4.64
N CYS A 3 3.15 3.62 -4.76
CA CYS A 3 2.51 2.75 -5.74
C CYS A 3 1.01 2.62 -5.48
N LYS A 4 0.62 1.70 -4.60
CA LYS A 4 -0.73 1.66 -4.10
C LYS A 4 -0.84 2.58 -2.90
N PRO A 5 -1.73 3.61 -2.99
CA PRO A 5 -1.89 4.62 -1.93
C PRO A 5 -2.03 4.04 -0.54
N CYS A 6 -1.26 4.60 0.37
CA CYS A 6 -1.28 4.17 1.76
C CYS A 6 -2.02 5.20 2.60
N MET A 7 -3.27 5.43 2.24
CA MET A 7 -4.09 6.42 2.93
C MET A 7 -5.14 5.73 3.78
N HIS A 8 -5.19 4.41 3.69
CA HIS A 8 -6.15 3.61 4.44
C HIS A 8 -5.45 2.40 5.03
N PRO A 9 -6.12 1.63 5.89
CA PRO A 9 -5.54 0.42 6.51
C PRO A 9 -5.09 -0.61 5.48
N ASP A 10 -5.58 -0.45 4.26
CA ASP A 10 -5.37 -1.43 3.20
C ASP A 10 -4.00 -1.27 2.54
N CYS A 11 -3.04 -0.73 3.28
CA CYS A 11 -1.69 -0.55 2.74
C CYS A 11 -0.64 -1.12 3.70
N ARG A 12 -0.99 -2.23 4.34
CA ARG A 12 -0.10 -2.86 5.32
C ARG A 12 1.15 -3.39 4.64
N PHE A 13 0.93 -4.01 3.49
CA PHE A 13 1.97 -4.73 2.77
C PHE A 13 1.57 -4.89 1.31
N ASN A 14 0.87 -3.86 0.80
CA ASN A 14 0.19 -3.87 -0.51
C ASN A 14 0.77 -4.92 -1.45
N PRO A 15 0.04 -6.03 -1.63
CA PRO A 15 0.53 -7.19 -2.36
C PRO A 15 0.81 -6.88 -3.82
N GLY A 16 2.07 -6.81 -4.15
CA GLY A 16 2.50 -6.55 -5.51
C GLY A 16 2.81 -5.09 -5.76
N ARG A 17 2.50 -4.23 -4.80
CA ARG A 17 2.73 -2.81 -4.94
C ARG A 17 3.67 -2.28 -3.85
N CYS A 18 3.08 -1.67 -2.83
CA CYS A 18 3.85 -0.99 -1.79
C CYS A 18 4.07 -1.91 -0.62
N ARG A 19 5.31 -2.20 -0.31
CA ARG A 19 5.60 -3.07 0.81
C ARG A 19 5.75 -2.27 2.08
N GLY A 1 3.56 4.86 1.23
CA GLY A 1 2.84 4.66 -0.05
C GLY A 1 3.45 5.50 -1.17
N ASP A 2 3.39 4.99 -2.39
CA ASP A 2 3.94 5.68 -3.54
C ASP A 2 3.31 5.18 -4.82
N CYS A 3 3.36 3.86 -4.99
CA CYS A 3 2.70 3.20 -6.10
C CYS A 3 1.20 3.09 -5.83
N LYS A 4 0.82 2.16 -4.97
CA LYS A 4 -0.50 2.14 -4.40
C LYS A 4 -0.49 3.00 -3.13
N PRO A 5 -1.41 3.97 -3.03
CA PRO A 5 -1.44 4.93 -1.91
C PRO A 5 -1.68 4.24 -0.58
N CYS A 6 -1.16 4.83 0.47
CA CYS A 6 -1.24 4.26 1.80
C CYS A 6 -2.01 5.20 2.74
N MET A 7 -3.28 5.40 2.44
CA MET A 7 -4.11 6.27 3.27
C MET A 7 -5.27 5.49 3.87
N HIS A 8 -5.18 4.17 3.84
CA HIS A 8 -6.18 3.30 4.44
C HIS A 8 -5.48 2.08 5.04
N PRO A 9 -6.18 1.30 5.87
CA PRO A 9 -5.63 0.11 6.56
C PRO A 9 -5.21 -1.00 5.60
N ASP A 10 -5.36 -0.75 4.32
CA ASP A 10 -5.18 -1.77 3.30
C ASP A 10 -3.77 -1.71 2.71
N CYS A 11 -3.00 -0.71 3.11
CA CYS A 11 -1.65 -0.52 2.59
C CYS A 11 -0.60 -1.10 3.52
N ARG A 12 -1.00 -2.08 4.33
CA ARG A 12 -0.10 -2.69 5.32
C ARG A 12 1.14 -3.29 4.68
N PHE A 13 0.95 -3.89 3.51
CA PHE A 13 2.04 -4.55 2.79
C PHE A 13 1.59 -4.88 1.38
N ASN A 14 0.73 -4.00 0.83
CA ASN A 14 0.01 -4.22 -0.44
C ASN A 14 0.68 -5.26 -1.33
N PRO A 15 0.08 -6.46 -1.44
CA PRO A 15 0.70 -7.58 -2.13
C PRO A 15 0.86 -7.33 -3.62
N GLY A 16 2.09 -7.06 -4.01
CA GLY A 16 2.38 -6.78 -5.40
C GLY A 16 2.53 -5.29 -5.66
N ARG A 17 2.19 -4.48 -4.66
CA ARG A 17 2.26 -3.04 -4.78
C ARG A 17 3.26 -2.45 -3.78
N CYS A 18 2.78 -1.59 -2.91
CA CYS A 18 3.62 -0.83 -2.02
C CYS A 18 3.73 -1.51 -0.68
N ARG A 19 4.88 -1.40 -0.05
CA ARG A 19 5.06 -1.97 1.26
C ARG A 19 5.28 -0.87 2.28
N GLY A 1 3.65 6.65 1.25
CA GLY A 1 3.61 5.58 0.21
C GLY A 1 4.20 6.05 -1.10
N ASP A 2 3.88 5.35 -2.18
CA ASP A 2 4.43 5.69 -3.49
C ASP A 2 3.53 5.18 -4.61
N CYS A 3 3.51 3.87 -4.79
CA CYS A 3 2.75 3.23 -5.86
C CYS A 3 1.25 3.20 -5.52
N LYS A 4 0.82 2.16 -4.83
CA LYS A 4 -0.53 2.11 -4.31
C LYS A 4 -0.59 2.96 -3.04
N PRO A 5 -1.55 3.89 -2.96
CA PRO A 5 -1.63 4.85 -1.88
C PRO A 5 -1.88 4.20 -0.52
N CYS A 6 -1.18 4.69 0.48
CA CYS A 6 -1.29 4.17 1.82
C CYS A 6 -2.25 5.05 2.62
N MET A 7 -3.39 5.31 2.01
CA MET A 7 -4.41 6.16 2.62
C MET A 7 -5.54 5.31 3.18
N HIS A 8 -5.36 3.99 3.12
CA HIS A 8 -6.33 3.05 3.65
C HIS A 8 -5.59 1.99 4.44
N PRO A 9 -6.31 1.30 5.34
CA PRO A 9 -5.72 0.36 6.30
C PRO A 9 -5.01 -0.81 5.66
N ASP A 10 -5.26 -1.04 4.38
CA ASP A 10 -4.77 -2.21 3.69
C ASP A 10 -3.39 -1.97 3.07
N CYS A 11 -2.76 -0.85 3.42
CA CYS A 11 -1.44 -0.53 2.88
C CYS A 11 -0.35 -1.00 3.83
N ARG A 12 -0.59 -2.15 4.44
CA ARG A 12 0.37 -2.74 5.37
C ARG A 12 1.55 -3.29 4.59
N PHE A 13 1.23 -3.92 3.49
CA PHE A 13 2.19 -4.67 2.70
C PHE A 13 1.65 -4.87 1.28
N ASN A 14 0.80 -3.93 0.84
CA ASN A 14 -0.04 -4.08 -0.37
C ASN A 14 0.51 -5.13 -1.32
N PRO A 15 -0.16 -6.28 -1.39
CA PRO A 15 0.34 -7.44 -2.12
C PRO A 15 0.50 -7.16 -3.62
N GLY A 16 1.74 -7.03 -4.03
CA GLY A 16 2.05 -6.74 -5.42
C GLY A 16 2.31 -5.27 -5.66
N ARG A 17 2.04 -4.46 -4.65
CA ARG A 17 2.20 -3.02 -4.77
C ARG A 17 3.21 -2.47 -3.76
N CYS A 18 2.74 -1.63 -2.86
CA CYS A 18 3.60 -0.94 -1.92
C CYS A 18 3.65 -1.68 -0.61
N ARG A 19 4.83 -2.03 -0.17
CA ARG A 19 4.96 -2.69 1.10
C ARG A 19 5.68 -1.79 2.11
N GLY A 1 2.40 7.77 -0.02
CA GLY A 1 2.71 6.45 -0.60
C GLY A 1 3.21 6.57 -2.02
N ASP A 2 3.73 5.49 -2.57
CA ASP A 2 4.27 5.51 -3.92
C ASP A 2 3.32 4.83 -4.90
N CYS A 3 3.29 3.51 -4.86
CA CYS A 3 2.44 2.72 -5.74
C CYS A 3 0.97 2.80 -5.33
N LYS A 4 0.50 1.87 -4.52
CA LYS A 4 -0.83 1.98 -3.93
C LYS A 4 -0.80 2.93 -2.75
N PRO A 5 -1.61 4.00 -2.80
CA PRO A 5 -1.69 5.00 -1.74
C PRO A 5 -1.86 4.40 -0.36
N CYS A 6 -1.01 4.82 0.54
CA CYS A 6 -1.03 4.31 1.89
C CYS A 6 -1.74 5.28 2.80
N MET A 7 -3.02 5.51 2.51
CA MET A 7 -3.86 6.35 3.32
C MET A 7 -5.09 5.57 3.75
N HIS A 8 -4.93 4.25 3.85
CA HIS A 8 -6.01 3.37 4.25
C HIS A 8 -5.46 2.08 4.85
N PRO A 9 -6.24 1.38 5.67
CA PRO A 9 -5.81 0.13 6.33
C PRO A 9 -5.15 -0.86 5.36
N ASP A 10 -5.65 -0.88 4.14
CA ASP A 10 -5.26 -1.84 3.12
C ASP A 10 -3.77 -1.74 2.73
N CYS A 11 -3.12 -0.63 3.07
CA CYS A 11 -1.74 -0.42 2.63
C CYS A 11 -0.72 -1.00 3.60
N ARG A 12 -1.09 -2.05 4.32
CA ARG A 12 -0.19 -2.68 5.27
C ARG A 12 1.06 -3.20 4.58
N PHE A 13 0.85 -3.96 3.52
CA PHE A 13 1.95 -4.60 2.81
C PHE A 13 1.52 -4.91 1.38
N ASN A 14 0.68 -4.01 0.83
CA ASN A 14 0.03 -4.18 -0.48
C ASN A 14 0.75 -5.18 -1.38
N PRO A 15 0.19 -6.39 -1.50
CA PRO A 15 0.85 -7.50 -2.18
C PRO A 15 1.04 -7.22 -3.66
N GLY A 16 2.28 -6.95 -4.02
CA GLY A 16 2.63 -6.66 -5.40
C GLY A 16 2.89 -5.19 -5.64
N ARG A 17 2.29 -4.34 -4.83
CA ARG A 17 2.45 -2.90 -4.97
C ARG A 17 3.36 -2.33 -3.89
N CYS A 18 2.79 -1.71 -2.89
CA CYS A 18 3.58 -1.08 -1.85
C CYS A 18 3.75 -2.05 -0.70
N ARG A 19 4.94 -2.57 -0.56
CA ARG A 19 5.18 -3.65 0.37
C ARG A 19 5.81 -3.13 1.64
N GLY A 1 3.70 5.35 0.58
CA GLY A 1 2.54 5.28 -0.34
C GLY A 1 2.88 5.85 -1.70
N ASP A 2 3.87 5.24 -2.35
CA ASP A 2 4.34 5.73 -3.63
C ASP A 2 3.49 5.19 -4.78
N CYS A 3 3.34 3.87 -4.82
CA CYS A 3 2.57 3.22 -5.85
C CYS A 3 1.09 3.17 -5.46
N LYS A 4 0.68 2.14 -4.73
CA LYS A 4 -0.65 2.08 -4.20
C LYS A 4 -0.75 2.99 -2.98
N PRO A 5 -1.62 4.01 -3.03
CA PRO A 5 -1.78 4.99 -1.95
C PRO A 5 -1.93 4.35 -0.57
N CYS A 6 -1.13 4.83 0.35
CA CYS A 6 -1.11 4.31 1.70
C CYS A 6 -1.90 5.23 2.62
N MET A 7 -3.16 5.44 2.28
CA MET A 7 -4.03 6.31 3.08
C MET A 7 -5.19 5.50 3.65
N HIS A 8 -5.01 4.20 3.69
CA HIS A 8 -6.03 3.28 4.18
C HIS A 8 -5.39 1.99 4.68
N PRO A 9 -6.11 1.30 5.59
CA PRO A 9 -5.63 0.08 6.28
C PRO A 9 -5.01 -0.96 5.36
N ASP A 10 -5.33 -0.88 4.09
CA ASP A 10 -4.94 -1.90 3.12
C ASP A 10 -3.45 -1.80 2.77
N CYS A 11 -2.83 -0.66 3.06
CA CYS A 11 -1.43 -0.48 2.70
C CYS A 11 -0.51 -1.03 3.79
N ARG A 12 -0.90 -2.16 4.38
CA ARG A 12 -0.08 -2.82 5.38
C ARG A 12 1.15 -3.44 4.75
N PHE A 13 0.99 -3.91 3.53
CA PHE A 13 2.08 -4.53 2.78
C PHE A 13 1.60 -4.88 1.37
N ASN A 14 0.70 -4.02 0.83
CA ASN A 14 -0.05 -4.26 -0.42
C ASN A 14 0.63 -5.28 -1.32
N PRO A 15 0.04 -6.48 -1.43
CA PRO A 15 0.65 -7.58 -2.18
C PRO A 15 0.76 -7.27 -3.67
N GLY A 16 1.97 -7.03 -4.09
CA GLY A 16 2.24 -6.71 -5.48
C GLY A 16 2.44 -5.23 -5.70
N ARG A 17 2.20 -4.44 -4.66
CA ARG A 17 2.32 -3.01 -4.73
C ARG A 17 3.33 -2.50 -3.69
N CYS A 18 2.87 -1.61 -2.82
CA CYS A 18 3.76 -0.93 -1.90
C CYS A 18 3.76 -1.65 -0.57
N ARG A 19 4.95 -1.86 -0.02
CA ARG A 19 5.04 -2.52 1.26
C ARG A 19 5.49 -1.53 2.32
N GLY A 1 3.32 5.21 0.77
CA GLY A 1 2.34 4.68 -0.22
C GLY A 1 2.41 5.43 -1.52
N ASP A 2 3.39 5.09 -2.33
CA ASP A 2 3.63 5.80 -3.59
C ASP A 2 2.86 5.16 -4.74
N CYS A 3 3.09 3.88 -4.96
CA CYS A 3 2.43 3.16 -6.04
C CYS A 3 0.95 2.97 -5.70
N LYS A 4 0.63 1.96 -4.92
CA LYS A 4 -0.65 1.86 -4.30
C LYS A 4 -0.62 2.68 -3.02
N PRO A 5 -1.41 3.76 -2.95
CA PRO A 5 -1.33 4.75 -1.86
C PRO A 5 -1.61 4.14 -0.49
N CYS A 6 -1.05 4.76 0.54
CA CYS A 6 -1.09 4.20 1.88
C CYS A 6 -1.79 5.17 2.83
N MET A 7 -3.00 5.53 2.49
CA MET A 7 -3.78 6.49 3.28
C MET A 7 -4.85 5.77 4.08
N HIS A 8 -4.81 4.45 4.06
CA HIS A 8 -5.80 3.64 4.76
C HIS A 8 -5.23 2.27 5.10
N PRO A 9 -5.81 1.55 6.07
CA PRO A 9 -5.30 0.24 6.51
C PRO A 9 -4.93 -0.70 5.37
N ASP A 10 -5.63 -0.57 4.24
CA ASP A 10 -5.46 -1.46 3.08
C ASP A 10 -4.12 -1.23 2.35
N CYS A 11 -3.11 -0.76 3.08
CA CYS A 11 -1.78 -0.60 2.51
C CYS A 11 -0.73 -1.23 3.43
N ARG A 12 -1.17 -2.23 4.20
CA ARG A 12 -0.29 -2.89 5.18
C ARG A 12 1.00 -3.37 4.52
N PHE A 13 0.85 -3.94 3.34
CA PHE A 13 1.96 -4.61 2.67
C PHE A 13 1.57 -4.92 1.22
N ASN A 14 0.69 -4.07 0.66
CA ASN A 14 -0.01 -4.32 -0.61
C ASN A 14 0.70 -5.35 -1.48
N PRO A 15 0.13 -6.56 -1.57
CA PRO A 15 0.77 -7.67 -2.27
C PRO A 15 1.02 -7.36 -3.74
N GLY A 16 2.26 -7.09 -4.05
CA GLY A 16 2.64 -6.76 -5.41
C GLY A 16 2.92 -5.27 -5.58
N ARG A 17 2.50 -4.46 -4.61
CA ARG A 17 2.64 -3.02 -4.70
C ARG A 17 3.52 -2.46 -3.57
N CYS A 18 2.96 -1.53 -2.81
CA CYS A 18 3.70 -0.76 -1.84
C CYS A 18 3.52 -1.37 -0.46
N ARG A 19 4.51 -1.23 0.39
CA ARG A 19 4.34 -1.64 1.77
C ARG A 19 4.42 -0.41 2.68
N GLY A 1 5.01 3.55 0.62
CA GLY A 1 3.58 3.57 0.21
C GLY A 1 3.27 4.75 -0.69
N ASP A 2 3.54 4.59 -1.98
CA ASP A 2 3.35 5.67 -2.94
C ASP A 2 2.72 5.16 -4.23
N CYS A 3 3.19 4.00 -4.70
CA CYS A 3 2.63 3.37 -5.90
C CYS A 3 1.13 3.14 -5.74
N LYS A 4 0.74 2.12 -4.99
CA LYS A 4 -0.59 2.03 -4.47
C LYS A 4 -0.69 2.93 -3.25
N PRO A 5 -1.74 3.77 -3.17
CA PRO A 5 -1.88 4.75 -2.09
C PRO A 5 -1.92 4.09 -0.72
N CYS A 6 -1.39 4.80 0.26
CA CYS A 6 -1.30 4.29 1.61
C CYS A 6 -1.90 5.31 2.57
N MET A 7 -3.20 5.48 2.46
CA MET A 7 -3.92 6.43 3.30
C MET A 7 -4.90 5.70 4.20
N HIS A 8 -5.04 4.41 3.98
CA HIS A 8 -5.99 3.59 4.72
C HIS A 8 -5.31 2.30 5.17
N PRO A 9 -5.97 1.48 6.02
CA PRO A 9 -5.40 0.22 6.52
C PRO A 9 -5.02 -0.74 5.40
N ASP A 10 -5.57 -0.50 4.23
CA ASP A 10 -5.39 -1.36 3.07
C ASP A 10 -4.04 -1.08 2.37
N CYS A 11 -3.05 -0.66 3.14
CA CYS A 11 -1.71 -0.50 2.62
C CYS A 11 -0.68 -1.09 3.59
N ARG A 12 -1.09 -2.14 4.30
CA ARG A 12 -0.25 -2.79 5.30
C ARG A 12 1.04 -3.34 4.69
N PHE A 13 0.91 -3.93 3.52
CA PHE A 13 2.03 -4.64 2.89
C PHE A 13 1.67 -4.96 1.43
N ASN A 14 0.84 -4.10 0.85
CA ASN A 14 0.17 -4.34 -0.45
C ASN A 14 0.91 -5.33 -1.34
N PRO A 15 0.30 -6.49 -1.56
CA PRO A 15 0.94 -7.61 -2.23
C PRO A 15 1.14 -7.35 -3.72
N GLY A 16 2.39 -7.07 -4.07
CA GLY A 16 2.73 -6.79 -5.45
C GLY A 16 2.81 -5.29 -5.72
N ARG A 17 2.34 -4.51 -4.76
CA ARG A 17 2.34 -3.07 -4.87
C ARG A 17 3.29 -2.46 -3.84
N CYS A 18 2.76 -1.60 -3.00
CA CYS A 18 3.59 -0.90 -2.04
C CYS A 18 3.55 -1.60 -0.71
N ARG A 19 4.71 -2.02 -0.26
CA ARG A 19 4.81 -2.72 0.99
C ARG A 19 4.80 -1.74 2.13
N GLY A 1 4.11 5.71 1.13
CA GLY A 1 3.48 5.09 -0.07
C GLY A 1 3.85 5.84 -1.33
N ASP A 2 3.57 5.24 -2.48
CA ASP A 2 3.90 5.85 -3.77
C ASP A 2 3.09 5.21 -4.88
N CYS A 3 3.27 3.90 -5.04
CA CYS A 3 2.57 3.17 -6.08
C CYS A 3 1.09 3.04 -5.73
N LYS A 4 0.75 2.06 -4.90
CA LYS A 4 -0.57 1.99 -4.32
C LYS A 4 -0.60 2.87 -3.08
N PRO A 5 -1.54 3.82 -3.01
CA PRO A 5 -1.58 4.83 -1.95
C PRO A 5 -1.81 4.24 -0.57
N CYS A 6 -1.16 4.83 0.42
CA CYS A 6 -1.20 4.32 1.77
C CYS A 6 -1.89 5.31 2.71
N MET A 7 -3.17 5.55 2.45
CA MET A 7 -3.97 6.41 3.31
C MET A 7 -5.14 5.62 3.87
N HIS A 8 -4.99 4.30 3.94
CA HIS A 8 -6.03 3.43 4.45
C HIS A 8 -5.42 2.13 5.00
N PRO A 9 -6.12 1.46 5.92
CA PRO A 9 -5.60 0.24 6.57
C PRO A 9 -5.01 -0.76 5.59
N ASP A 10 -5.61 -0.84 4.40
CA ASP A 10 -5.26 -1.86 3.42
C ASP A 10 -3.83 -1.73 2.90
N CYS A 11 -3.18 -0.60 3.13
CA CYS A 11 -1.78 -0.45 2.70
C CYS A 11 -0.84 -1.02 3.75
N ARG A 12 -1.13 -2.25 4.17
CA ARG A 12 -0.36 -2.91 5.23
C ARG A 12 0.92 -3.54 4.69
N PHE A 13 0.84 -4.04 3.46
CA PHE A 13 1.98 -4.68 2.81
C PHE A 13 1.62 -4.98 1.37
N ASN A 14 0.76 -4.11 0.82
CA ASN A 14 0.06 -4.32 -0.46
C ASN A 14 0.77 -5.31 -1.37
N PRO A 15 0.20 -6.52 -1.51
CA PRO A 15 0.84 -7.61 -2.23
C PRO A 15 1.06 -7.27 -3.70
N GLY A 16 2.31 -7.06 -4.04
CA GLY A 16 2.68 -6.76 -5.41
C GLY A 16 2.71 -5.26 -5.68
N ARG A 17 2.35 -4.47 -4.69
CA ARG A 17 2.34 -3.03 -4.83
C ARG A 17 3.32 -2.39 -3.85
N CYS A 18 2.79 -1.58 -2.94
CA CYS A 18 3.60 -0.84 -2.00
C CYS A 18 3.69 -1.59 -0.70
N ARG A 19 4.88 -1.69 -0.14
CA ARG A 19 5.06 -2.49 1.07
C ARG A 19 4.96 -1.60 2.31
N GLY A 1 4.82 5.30 1.04
CA GLY A 1 3.81 5.55 -0.01
C GLY A 1 4.45 5.91 -1.33
N ASP A 2 4.03 5.28 -2.41
CA ASP A 2 4.58 5.54 -3.72
C ASP A 2 3.66 5.01 -4.81
N CYS A 3 3.54 3.69 -4.86
CA CYS A 3 2.70 3.01 -5.82
C CYS A 3 1.21 3.08 -5.44
N LYS A 4 0.73 2.05 -4.76
CA LYS A 4 -0.63 2.02 -4.27
C LYS A 4 -0.77 2.92 -3.05
N PRO A 5 -1.79 3.80 -3.04
CA PRO A 5 -2.05 4.73 -1.94
C PRO A 5 -2.06 4.06 -0.58
N CYS A 6 -1.49 4.75 0.39
CA CYS A 6 -1.41 4.24 1.75
C CYS A 6 -2.15 5.18 2.70
N MET A 7 -3.43 5.40 2.42
CA MET A 7 -4.26 6.27 3.24
C MET A 7 -5.28 5.44 4.00
N HIS A 8 -5.38 4.16 3.64
CA HIS A 8 -6.35 3.27 4.27
C HIS A 8 -5.61 2.06 4.85
N PRO A 9 -6.30 1.27 5.69
CA PRO A 9 -5.72 0.11 6.39
C PRO A 9 -5.27 -1.02 5.47
N ASP A 10 -5.38 -0.83 4.17
CA ASP A 10 -5.05 -1.88 3.23
C ASP A 10 -3.74 -1.57 2.50
N CYS A 11 -2.87 -0.80 3.15
CA CYS A 11 -1.56 -0.51 2.59
C CYS A 11 -0.47 -1.04 3.51
N ARG A 12 -0.85 -2.01 4.34
CA ARG A 12 0.05 -2.60 5.32
C ARG A 12 1.30 -3.15 4.65
N PHE A 13 1.09 -3.85 3.57
CA PHE A 13 2.16 -4.49 2.82
C PHE A 13 1.68 -4.81 1.41
N ASN A 14 0.89 -3.87 0.85
CA ASN A 14 0.13 -4.06 -0.40
C ASN A 14 0.70 -5.15 -1.28
N PRO A 15 0.02 -6.31 -1.35
CA PRO A 15 0.49 -7.47 -2.10
C PRO A 15 0.66 -7.18 -3.58
N GLY A 16 1.90 -7.00 -3.98
CA GLY A 16 2.20 -6.72 -5.37
C GLY A 16 2.40 -5.24 -5.65
N ARG A 17 2.13 -4.40 -4.66
CA ARG A 17 2.26 -2.97 -4.82
C ARG A 17 3.28 -2.38 -3.84
N CYS A 18 2.79 -1.63 -2.86
CA CYS A 18 3.65 -0.91 -1.94
C CYS A 18 3.89 -1.73 -0.69
N ARG A 19 5.12 -2.11 -0.46
CA ARG A 19 5.42 -2.92 0.69
C ARG A 19 5.98 -2.04 1.80
N GLY A 1 4.39 3.69 1.15
CA GLY A 1 3.24 4.27 0.42
C GLY A 1 3.67 5.20 -0.69
N ASP A 2 3.72 4.69 -1.90
CA ASP A 2 4.17 5.48 -3.05
C ASP A 2 3.44 5.05 -4.31
N CYS A 3 3.60 3.79 -4.68
CA CYS A 3 2.90 3.21 -5.81
C CYS A 3 1.38 3.20 -5.54
N LYS A 4 0.91 2.18 -4.84
CA LYS A 4 -0.43 2.22 -4.31
C LYS A 4 -0.45 3.10 -3.07
N PRO A 5 -1.35 4.09 -3.03
CA PRO A 5 -1.40 5.06 -1.93
C PRO A 5 -1.74 4.40 -0.60
N CYS A 6 -1.20 4.96 0.47
CA CYS A 6 -1.37 4.39 1.79
C CYS A 6 -2.43 5.17 2.56
N MET A 7 -3.62 5.25 1.97
CA MET A 7 -4.72 5.99 2.56
C MET A 7 -5.78 5.03 3.08
N HIS A 8 -5.38 3.80 3.35
CA HIS A 8 -6.29 2.77 3.84
C HIS A 8 -5.54 1.69 4.60
N PRO A 9 -6.24 0.89 5.42
CA PRO A 9 -5.64 -0.21 6.19
C PRO A 9 -4.76 -1.11 5.33
N ASP A 10 -5.20 -1.29 4.09
CA ASP A 10 -4.61 -2.24 3.15
C ASP A 10 -3.14 -1.95 2.81
N CYS A 11 -2.64 -0.76 3.15
CA CYS A 11 -1.29 -0.38 2.77
C CYS A 11 -0.26 -0.81 3.81
N ARG A 12 -0.58 -1.85 4.59
CA ARG A 12 0.39 -2.41 5.52
C ARG A 12 1.53 -3.06 4.76
N PHE A 13 1.22 -3.57 3.58
CA PHE A 13 2.21 -4.21 2.72
C PHE A 13 1.57 -4.56 1.37
N ASN A 14 0.71 -3.65 0.88
CA ASN A 14 -0.13 -3.86 -0.33
C ASN A 14 0.43 -4.94 -1.23
N PRO A 15 -0.17 -6.15 -1.19
CA PRO A 15 0.36 -7.33 -1.87
C PRO A 15 0.37 -7.17 -3.38
N GLY A 16 1.54 -6.94 -3.92
CA GLY A 16 1.71 -6.74 -5.34
C GLY A 16 2.07 -5.30 -5.66
N ARG A 17 1.84 -4.42 -4.70
CA ARG A 17 2.10 -3.00 -4.88
C ARG A 17 3.16 -2.49 -3.91
N CYS A 18 2.73 -1.72 -2.93
CA CYS A 18 3.64 -1.04 -2.03
C CYS A 18 3.82 -1.85 -0.76
N ARG A 19 4.98 -2.42 -0.62
CA ARG A 19 5.29 -3.23 0.53
C ARG A 19 5.94 -2.37 1.60
N GLY A 1 4.63 5.58 0.74
CA GLY A 1 3.46 5.36 -0.14
C GLY A 1 3.62 6.02 -1.49
N ASP A 2 3.52 5.24 -2.55
CA ASP A 2 3.68 5.76 -3.91
C ASP A 2 2.88 4.93 -4.89
N CYS A 3 3.14 3.63 -4.89
CA CYS A 3 2.46 2.69 -5.76
C CYS A 3 0.96 2.60 -5.44
N LYS A 4 0.59 1.64 -4.61
CA LYS A 4 -0.76 1.54 -4.12
C LYS A 4 -0.89 2.44 -2.89
N PRO A 5 -1.79 3.42 -2.92
CA PRO A 5 -1.84 4.51 -1.93
C PRO A 5 -1.97 4.00 -0.50
N CYS A 6 -1.38 4.74 0.41
CA CYS A 6 -1.28 4.32 1.80
C CYS A 6 -1.83 5.38 2.74
N MET A 7 -3.12 5.66 2.60
CA MET A 7 -3.79 6.59 3.49
C MET A 7 -4.96 5.89 4.18
N HIS A 8 -4.91 4.57 4.19
CA HIS A 8 -5.97 3.76 4.76
C HIS A 8 -5.44 2.39 5.17
N PRO A 9 -6.14 1.71 6.09
CA PRO A 9 -5.76 0.39 6.65
C PRO A 9 -5.52 -0.72 5.62
N ASP A 10 -5.61 -0.40 4.34
CA ASP A 10 -5.39 -1.42 3.31
C ASP A 10 -4.08 -1.17 2.56
N CYS A 11 -3.11 -0.58 3.23
CA CYS A 11 -1.79 -0.41 2.65
C CYS A 11 -0.75 -1.03 3.56
N ARG A 12 -1.14 -2.15 4.16
CA ARG A 12 -0.33 -2.82 5.16
C ARG A 12 0.94 -3.39 4.54
N PHE A 13 0.74 -4.09 3.45
CA PHE A 13 1.82 -4.81 2.80
C PHE A 13 1.52 -4.96 1.31
N ASN A 14 0.80 -3.96 0.77
CA ASN A 14 0.20 -4.02 -0.58
C ASN A 14 0.89 -5.01 -1.50
N PRO A 15 0.22 -6.13 -1.75
CA PRO A 15 0.81 -7.29 -2.39
C PRO A 15 1.14 -7.04 -3.85
N GLY A 16 2.41 -6.87 -4.12
CA GLY A 16 2.88 -6.61 -5.46
C GLY A 16 3.07 -5.13 -5.73
N ARG A 17 2.61 -4.30 -4.79
CA ARG A 17 2.71 -2.86 -4.96
C ARG A 17 3.61 -2.25 -3.88
N CYS A 18 3.00 -1.66 -2.86
CA CYS A 18 3.75 -1.01 -1.81
C CYS A 18 3.93 -1.97 -0.65
N ARG A 19 5.14 -2.44 -0.48
CA ARG A 19 5.41 -3.46 0.51
C ARG A 19 6.03 -2.85 1.76
N GLY A 1 1.82 8.83 -0.86
CA GLY A 1 2.08 7.40 -1.14
C GLY A 1 3.00 7.23 -2.33
N ASP A 2 3.54 6.04 -2.49
CA ASP A 2 4.45 5.75 -3.60
C ASP A 2 3.69 5.08 -4.74
N CYS A 3 3.54 3.76 -4.66
CA CYS A 3 2.79 3.02 -5.64
C CYS A 3 1.29 3.05 -5.33
N LYS A 4 0.80 2.04 -4.62
CA LYS A 4 -0.56 2.02 -4.16
C LYS A 4 -0.69 2.92 -2.93
N PRO A 5 -1.49 3.99 -3.02
CA PRO A 5 -1.66 4.97 -1.94
C PRO A 5 -1.89 4.34 -0.58
N CYS A 6 -1.10 4.78 0.38
CA CYS A 6 -1.15 4.22 1.72
C CYS A 6 -1.90 5.16 2.66
N MET A 7 -3.14 5.45 2.30
CA MET A 7 -3.98 6.30 3.12
C MET A 7 -5.14 5.48 3.68
N HIS A 8 -4.94 4.17 3.75
CA HIS A 8 -5.96 3.26 4.25
C HIS A 8 -5.32 1.99 4.78
N PRO A 9 -6.01 1.35 5.75
CA PRO A 9 -5.54 0.14 6.46
C PRO A 9 -5.03 -0.97 5.54
N ASP A 10 -5.49 -0.92 4.31
CA ASP A 10 -5.18 -1.94 3.31
C ASP A 10 -3.74 -1.83 2.82
N CYS A 11 -3.08 -0.71 3.11
CA CYS A 11 -1.71 -0.51 2.66
C CYS A 11 -0.71 -1.06 3.69
N ARG A 12 -1.06 -2.18 4.31
CA ARG A 12 -0.21 -2.78 5.34
C ARG A 12 1.06 -3.36 4.72
N PHE A 13 0.93 -3.89 3.53
CA PHE A 13 2.04 -4.51 2.81
C PHE A 13 1.59 -4.87 1.40
N ASN A 14 0.71 -4.03 0.85
CA ASN A 14 0.00 -4.28 -0.42
C ASN A 14 0.70 -5.29 -1.31
N PRO A 15 0.15 -6.51 -1.41
CA PRO A 15 0.79 -7.60 -2.14
C PRO A 15 0.91 -7.31 -3.62
N GLY A 16 2.12 -7.00 -4.04
CA GLY A 16 2.39 -6.69 -5.42
C GLY A 16 2.51 -5.20 -5.68
N ARG A 17 2.13 -4.39 -4.69
CA ARG A 17 2.18 -2.95 -4.83
C ARG A 17 3.17 -2.34 -3.85
N CYS A 18 2.68 -1.65 -2.83
CA CYS A 18 3.54 -1.03 -1.85
C CYS A 18 3.71 -1.96 -0.66
N ARG A 19 4.87 -2.52 -0.53
CA ARG A 19 5.13 -3.46 0.55
C ARG A 19 5.83 -2.76 1.70
N GLY A 1 2.84 6.80 0.61
CA GLY A 1 3.39 5.74 -0.25
C GLY A 1 3.71 6.25 -1.64
N ASP A 2 3.72 5.36 -2.62
CA ASP A 2 4.05 5.74 -3.99
C ASP A 2 3.25 4.91 -4.98
N CYS A 3 3.45 3.60 -4.93
CA CYS A 3 2.72 2.67 -5.79
C CYS A 3 1.23 2.67 -5.48
N LYS A 4 0.80 1.83 -4.55
CA LYS A 4 -0.57 1.82 -4.09
C LYS A 4 -0.73 2.78 -2.92
N PRO A 5 -1.70 3.71 -3.00
CA PRO A 5 -1.97 4.70 -1.94
C PRO A 5 -2.01 4.10 -0.55
N CYS A 6 -1.32 4.73 0.36
CA CYS A 6 -1.23 4.22 1.73
C CYS A 6 -1.93 5.17 2.70
N MET A 7 -3.16 5.52 2.38
CA MET A 7 -3.97 6.38 3.23
C MET A 7 -5.11 5.58 3.83
N HIS A 8 -4.93 4.27 3.90
CA HIS A 8 -5.96 3.36 4.38
C HIS A 8 -5.34 2.10 4.97
N PRO A 9 -6.09 1.44 5.86
CA PRO A 9 -5.68 0.19 6.56
C PRO A 9 -5.30 -0.95 5.62
N ASP A 10 -5.44 -0.73 4.33
CA ASP A 10 -5.23 -1.77 3.34
C ASP A 10 -3.82 -1.70 2.76
N CYS A 11 -3.05 -0.70 3.18
CA CYS A 11 -1.71 -0.50 2.63
C CYS A 11 -0.66 -1.09 3.56
N ARG A 12 -1.08 -2.06 4.36
CA ARG A 12 -0.19 -2.74 5.31
C ARG A 12 1.07 -3.25 4.63
N PHE A 13 0.85 -3.94 3.52
CA PHE A 13 1.93 -4.60 2.79
C PHE A 13 1.50 -4.84 1.34
N ASN A 14 0.74 -3.88 0.80
CA ASN A 14 0.04 -3.97 -0.50
C ASN A 14 0.67 -5.01 -1.41
N PRO A 15 0.00 -6.18 -1.53
CA PRO A 15 0.54 -7.32 -2.25
C PRO A 15 0.75 -7.02 -3.73
N GLY A 16 2.00 -6.82 -4.08
CA GLY A 16 2.36 -6.52 -5.45
C GLY A 16 2.68 -5.05 -5.66
N ARG A 17 2.35 -4.21 -4.70
CA ARG A 17 2.55 -2.78 -4.85
C ARG A 17 3.51 -2.23 -3.80
N CYS A 18 2.97 -1.59 -2.78
CA CYS A 18 3.78 -0.93 -1.76
C CYS A 18 3.98 -1.87 -0.60
N ARG A 19 5.21 -2.17 -0.29
CA ARG A 19 5.50 -3.13 0.76
C ARG A 19 5.53 -2.44 2.11
N GLY A 1 4.36 4.28 1.54
CA GLY A 1 3.61 3.99 0.30
C GLY A 1 3.84 5.04 -0.76
N ASP A 2 3.65 4.65 -2.01
CA ASP A 2 3.81 5.56 -3.13
C ASP A 2 3.19 4.98 -4.39
N CYS A 3 3.55 3.72 -4.67
CA CYS A 3 2.95 2.96 -5.75
C CYS A 3 1.42 2.94 -5.63
N LYS A 4 0.90 2.08 -4.77
CA LYS A 4 -0.49 2.14 -4.39
C LYS A 4 -0.62 2.96 -3.11
N PRO A 5 -1.33 4.11 -3.19
CA PRO A 5 -1.48 5.05 -2.07
C PRO A 5 -1.85 4.38 -0.75
N CYS A 6 -1.08 4.70 0.26
CA CYS A 6 -1.28 4.18 1.60
C CYS A 6 -2.19 5.11 2.37
N MET A 7 -3.42 5.22 1.90
CA MET A 7 -4.42 6.07 2.55
C MET A 7 -5.56 5.21 3.08
N HIS A 8 -5.30 3.91 3.16
CA HIS A 8 -6.30 2.95 3.60
C HIS A 8 -5.65 1.88 4.46
N PRO A 9 -6.42 1.34 5.42
CA PRO A 9 -5.94 0.34 6.40
C PRO A 9 -5.25 -0.87 5.80
N ASP A 10 -5.39 -1.06 4.50
CA ASP A 10 -4.89 -2.25 3.84
C ASP A 10 -3.43 -2.08 3.39
N CYS A 11 -2.87 -0.88 3.55
CA CYS A 11 -1.53 -0.59 3.04
C CYS A 11 -0.46 -0.98 4.07
N ARG A 12 -0.47 -2.25 4.47
CA ARG A 12 0.48 -2.75 5.44
C ARG A 12 1.64 -3.41 4.71
N PHE A 13 1.36 -3.83 3.50
CA PHE A 13 2.30 -4.58 2.69
C PHE A 13 1.73 -4.72 1.28
N ASN A 14 0.96 -3.69 0.87
CA ASN A 14 0.09 -3.73 -0.33
C ASN A 14 0.53 -4.80 -1.31
N PRO A 15 -0.19 -5.93 -1.33
CA PRO A 15 0.23 -7.12 -2.05
C PRO A 15 0.36 -6.90 -3.55
N GLY A 16 1.60 -6.79 -3.98
CA GLY A 16 1.90 -6.56 -5.39
C GLY A 16 2.21 -5.12 -5.69
N ARG A 17 2.05 -4.25 -4.70
CA ARG A 17 2.26 -2.83 -4.89
C ARG A 17 3.30 -2.27 -3.91
N CYS A 18 2.83 -1.61 -2.86
CA CYS A 18 3.69 -0.95 -1.90
C CYS A 18 3.94 -1.84 -0.71
N ARG A 19 5.15 -2.34 -0.58
CA ARG A 19 5.48 -3.15 0.56
C ARG A 19 6.04 -2.28 1.67
N GLY A 1 3.46 4.90 0.76
CA GLY A 1 2.37 4.70 -0.25
C GLY A 1 2.66 5.45 -1.53
N ASP A 2 3.77 5.09 -2.16
CA ASP A 2 4.20 5.74 -3.39
C ASP A 2 3.42 5.22 -4.59
N CYS A 3 3.47 3.92 -4.79
CA CYS A 3 2.78 3.29 -5.90
C CYS A 3 1.27 3.26 -5.63
N LYS A 4 0.79 2.27 -4.91
CA LYS A 4 -0.56 2.28 -4.41
C LYS A 4 -0.61 3.11 -3.13
N PRO A 5 -1.41 4.19 -3.15
CA PRO A 5 -1.56 5.10 -2.01
C PRO A 5 -1.80 4.38 -0.69
N CYS A 6 -1.15 4.87 0.34
CA CYS A 6 -1.23 4.30 1.66
C CYS A 6 -2.14 5.17 2.54
N MET A 7 -3.38 5.30 2.12
CA MET A 7 -4.33 6.17 2.79
C MET A 7 -5.30 5.38 3.65
N HIS A 8 -5.29 4.05 3.49
CA HIS A 8 -6.22 3.20 4.22
C HIS A 8 -5.44 2.08 4.91
N PRO A 9 -6.09 1.29 5.78
CA PRO A 9 -5.44 0.18 6.51
C PRO A 9 -4.83 -0.86 5.57
N ASP A 10 -5.33 -0.89 4.36
CA ASP A 10 -4.99 -1.93 3.40
C ASP A 10 -3.57 -1.77 2.84
N CYS A 11 -2.89 -0.68 3.17
CA CYS A 11 -1.52 -0.50 2.75
C CYS A 11 -0.56 -1.03 3.82
N ARG A 12 -0.91 -2.18 4.39
CA ARG A 12 -0.07 -2.82 5.40
C ARG A 12 1.17 -3.44 4.76
N PHE A 13 0.99 -3.92 3.54
CA PHE A 13 2.07 -4.56 2.79
C PHE A 13 1.57 -4.91 1.38
N ASN A 14 0.73 -4.03 0.83
CA ASN A 14 -0.01 -4.24 -0.44
C ASN A 14 0.65 -5.28 -1.33
N PRO A 15 0.06 -6.47 -1.44
CA PRO A 15 0.65 -7.60 -2.15
C PRO A 15 0.79 -7.33 -3.64
N GLY A 16 2.01 -7.04 -4.05
CA GLY A 16 2.29 -6.74 -5.44
C GLY A 16 2.43 -5.25 -5.70
N ARG A 17 2.22 -4.46 -4.66
CA ARG A 17 2.29 -3.01 -4.77
C ARG A 17 3.31 -2.45 -3.78
N CYS A 18 2.85 -1.60 -2.88
CA CYS A 18 3.73 -0.93 -1.94
C CYS A 18 3.75 -1.71 -0.65
N ARG A 19 4.94 -2.00 -0.17
CA ARG A 19 5.06 -2.79 1.03
C ARG A 19 5.14 -1.87 2.25
#